data_4TZ0
#
_entry.id   4TZ0
#
_cell.length_a   89.979
_cell.length_b   126.614
_cell.length_c   55.553
_cell.angle_alpha   90.00
_cell.angle_beta   90.00
_cell.angle_gamma   90.00
#
_symmetry.space_group_name_H-M   'P 21 21 2'
#
loop_
_entity.id
_entity.type
_entity.pdbx_description
1 polymer 'ATP-dependent RNA helicase MSS116, mitochondrial'
2 polymer "RNA (5'-R(*AP*AP*AP*AP*AP*AP*A)-3')"
3 non-polymer "GUANOSINE-5'-DIPHOSPHATE"
4 non-polymer 'BERYLLIUM TRIFLUORIDE ION'
5 non-polymer 'MAGNESIUM ION'
6 water water
#
loop_
_entity_poly.entity_id
_entity_poly.type
_entity_poly.pdbx_seq_one_letter_code
_entity_poly.pdbx_strand_id
1 'polypeptide(L)'
;SKLIHVPKEDNSKEVTLDSLLEEGVLDKEIHKAITRMEFPGLTPVQQKTIKPILSSEDHDVIARAKTGTGKTFAFLIPIF
QHLINTKFDSQYMVKAVIVAPTRDLALQIEAEVKKIHDMNYGLKKYACVSLVGGTDFRAAMNKMNKLRPNIVIATPGRLI
DVLEKYSNKFFRFVDYKVLDEADRLLEIGFRDDLETISGILNEKNSKSADNIKTLLFSATLDDKVQKLANNIMNKKECLF
LDTVDKNEPEAHERIDQSVVISEKFANSIFAAVEHIKKQIKERDSNYKAIIFAPTVKFTSFLCSILKNEFKKDLPILEFH
GKITQNKRTSLVKRFKKDESGILVCTDVGARGMDFPNVHEVLQIGVPSELANYIHRIGRTARSGKEGSSVLFICKDELPF
VRELEDAKNIVIAKQEKYEPSEEIKSEVLEAVTEEPEDISDIVISLISSYRSCIKEYRFSERRILPEIASTYGVLLNDPQ
LKIPVSRRFLDKLGLSRSPIGKAMFEIRD
;
A
2 'polyribonucleotide' AAAAAAA B
#
loop_
_chem_comp.id
_chem_comp.type
_chem_comp.name
_chem_comp.formula
A RNA linking ADENOSINE-5'-MONOPHOSPHATE 'C10 H14 N5 O7 P'
BEF non-polymer 'BERYLLIUM TRIFLUORIDE ION' 'Be F3 -1'
GDP RNA linking GUANOSINE-5'-DIPHOSPHATE 'C10 H15 N5 O11 P2'
MG non-polymer 'MAGNESIUM ION' 'Mg 2'
#
# COMPACT_ATOMS: atom_id res chain seq x y z
N SER A 1 -11.78 -24.62 10.56
CA SER A 1 -10.64 -23.97 11.19
C SER A 1 -11.08 -23.11 12.36
N LYS A 2 -10.30 -23.12 13.44
CA LYS A 2 -10.62 -22.36 14.64
C LYS A 2 -9.48 -21.43 15.03
N LEU A 3 -9.82 -20.18 15.36
CA LEU A 3 -8.82 -19.17 15.69
C LEU A 3 -8.57 -19.08 17.19
N ILE A 4 -7.38 -18.59 17.55
CA ILE A 4 -7.04 -18.31 18.95
C ILE A 4 -6.31 -16.97 19.02
N HIS A 5 -6.58 -16.21 20.07
CA HIS A 5 -6.11 -14.82 20.16
C HIS A 5 -5.09 -14.63 21.28
N VAL A 6 -3.96 -14.01 20.94
CA VAL A 6 -2.93 -13.63 21.92
C VAL A 6 -2.66 -12.13 21.83
N PRO A 7 -3.46 -11.32 22.55
CA PRO A 7 -3.39 -9.85 22.44
C PRO A 7 -2.07 -9.22 22.87
N LYS A 8 -2.08 -7.90 22.97
CA LYS A 8 -0.89 -7.12 23.30
C LYS A 8 -0.54 -7.25 24.78
N GLU A 9 0.71 -6.95 25.11
CA GLU A 9 1.19 -7.04 26.49
C GLU A 9 2.35 -6.08 26.72
N ASP A 10 2.23 -5.25 27.76
CA ASP A 10 3.22 -4.21 28.03
C ASP A 10 4.42 -4.73 28.82
N ASN A 11 4.15 -5.49 29.88
CA ASN A 11 5.20 -6.03 30.74
C ASN A 11 5.71 -7.38 30.26
N SER A 12 5.78 -7.54 28.94
CA SER A 12 6.23 -8.79 28.35
C SER A 12 7.75 -8.93 28.40
N LYS A 13 8.23 -10.16 28.41
CA LYS A 13 9.66 -10.43 28.46
C LYS A 13 10.35 -10.01 27.17
N GLU A 14 11.51 -9.39 27.30
CA GLU A 14 12.28 -8.92 26.15
C GLU A 14 12.84 -10.09 25.35
N VAL A 15 12.68 -10.03 24.03
CA VAL A 15 13.28 -11.01 23.12
C VAL A 15 14.35 -10.31 22.29
N THR A 16 15.46 -11.00 22.06
CA THR A 16 16.58 -10.42 21.32
C THR A 16 17.22 -11.45 20.40
N LEU A 17 18.13 -10.98 19.56
CA LEU A 17 18.85 -11.85 18.63
C LEU A 17 19.73 -12.85 19.38
N ASP A 18 20.40 -12.36 20.42
CA ASP A 18 21.25 -13.20 21.26
C ASP A 18 20.41 -14.26 21.96
N SER A 19 19.17 -13.90 22.29
CA SER A 19 18.27 -14.79 22.99
C SER A 19 17.74 -15.88 22.07
N LEU A 20 17.68 -15.57 20.78
CA LEU A 20 17.24 -16.54 19.78
C LEU A 20 18.40 -17.34 19.23
N LEU A 21 19.61 -16.81 19.37
CA LEU A 21 20.82 -17.60 19.08
C LEU A 21 20.97 -18.63 20.17
N GLU A 22 20.68 -18.22 21.40
CA GLU A 22 20.44 -19.16 22.49
C GLU A 22 19.06 -19.77 22.25
N GLU A 23 18.71 -20.80 23.02
CA GLU A 23 17.44 -21.51 22.85
C GLU A 23 17.36 -22.32 21.56
N GLY A 24 18.27 -22.05 20.61
CA GLY A 24 18.35 -22.81 19.38
C GLY A 24 17.23 -22.56 18.39
N VAL A 25 16.76 -21.32 18.31
CA VAL A 25 15.71 -20.96 17.35
C VAL A 25 16.34 -20.47 16.04
N LEU A 26 17.34 -19.60 16.16
CA LEU A 26 18.01 -19.03 14.99
C LEU A 26 19.45 -19.49 14.86
N ASP A 27 19.83 -19.88 13.65
CA ASP A 27 21.20 -20.25 13.34
C ASP A 27 22.10 -19.01 13.42
N LYS A 28 23.40 -19.22 13.55
CA LYS A 28 24.36 -18.13 13.64
C LYS A 28 24.42 -17.32 12.34
N GLU A 29 24.13 -17.98 11.23
CA GLU A 29 24.21 -17.35 9.91
C GLU A 29 23.20 -16.20 9.78
N ILE A 30 22.05 -16.33 10.42
CA ILE A 30 21.04 -15.30 10.40
C ILE A 30 21.30 -14.25 11.48
N HIS A 31 21.77 -14.71 12.63
CA HIS A 31 22.07 -13.82 13.75
C HIS A 31 22.99 -12.70 13.28
N LYS A 32 24.04 -13.07 12.55
CA LYS A 32 24.98 -12.08 12.04
C LYS A 32 24.24 -11.07 11.18
N ALA A 33 23.57 -11.57 10.13
CA ALA A 33 22.93 -10.74 9.11
C ALA A 33 22.16 -9.55 9.68
N ILE A 34 21.36 -9.78 10.71
CA ILE A 34 20.50 -8.72 11.25
C ILE A 34 21.26 -7.83 12.23
N THR A 35 22.21 -8.41 12.97
CA THR A 35 23.04 -7.61 13.88
C THR A 35 23.83 -6.56 13.11
N ARG A 36 24.33 -6.95 11.93
CA ARG A 36 25.09 -6.03 11.08
C ARG A 36 24.30 -4.77 10.73
N MET A 37 22.97 -4.89 10.72
CA MET A 37 22.11 -3.78 10.33
C MET A 37 22.08 -2.68 11.38
N GLU A 38 22.65 -2.97 12.54
CA GLU A 38 22.84 -1.95 13.57
C GLU A 38 21.52 -1.43 14.14
N PHE A 39 20.47 -2.24 14.06
CA PHE A 39 19.20 -1.88 14.70
C PHE A 39 19.36 -2.03 16.21
N PRO A 40 18.78 -1.11 16.99
CA PRO A 40 18.91 -1.18 18.45
C PRO A 40 18.34 -2.47 19.04
N GLY A 41 17.45 -3.11 18.29
CA GLY A 41 16.84 -4.35 18.71
C GLY A 41 15.60 -4.66 17.91
N LEU A 42 15.07 -5.88 18.06
CA LEU A 42 13.88 -6.30 17.34
C LEU A 42 12.67 -5.45 17.71
N THR A 43 11.89 -5.07 16.70
CA THR A 43 10.65 -4.34 16.94
C THR A 43 9.65 -5.25 17.63
N PRO A 44 8.60 -4.67 18.25
CA PRO A 44 7.58 -5.44 18.96
C PRO A 44 7.03 -6.62 18.16
N VAL A 45 6.67 -6.36 16.90
CA VAL A 45 6.08 -7.40 16.06
C VAL A 45 7.07 -8.51 15.76
N GLN A 46 8.33 -8.15 15.56
CA GLN A 46 9.36 -9.12 15.22
C GLN A 46 9.64 -10.08 16.38
N GLN A 47 9.68 -9.54 17.59
CA GLN A 47 9.92 -10.36 18.78
C GLN A 47 8.80 -11.37 19.01
N LYS A 48 7.58 -10.98 18.63
CA LYS A 48 6.39 -11.75 18.98
C LYS A 48 6.05 -12.84 17.95
N THR A 49 6.69 -12.79 16.79
CA THR A 49 6.25 -13.62 15.66
C THR A 49 7.29 -14.60 15.12
N ILE A 50 8.58 -14.29 15.27
CA ILE A 50 9.64 -15.16 14.74
C ILE A 50 9.40 -16.58 15.24
N LYS A 51 8.95 -16.68 16.48
CA LYS A 51 8.28 -17.87 16.98
C LYS A 51 6.86 -17.42 17.34
N PRO A 52 5.85 -18.28 17.09
CA PRO A 52 5.85 -19.66 16.59
C PRO A 52 5.65 -19.79 15.07
N ILE A 53 6.18 -18.85 14.28
CA ILE A 53 6.20 -19.05 12.84
C ILE A 53 7.09 -20.24 12.53
N LEU A 54 8.15 -20.38 13.32
CA LEU A 54 9.07 -21.51 13.20
C LEU A 54 8.54 -22.75 13.92
N SER A 55 7.65 -22.53 14.89
CA SER A 55 7.09 -23.63 15.67
C SER A 55 6.37 -24.62 14.76
N SER A 56 6.20 -25.84 15.25
CA SER A 56 5.63 -26.92 14.46
C SER A 56 4.16 -26.68 14.11
N GLU A 57 3.78 -27.10 12.90
CA GLU A 57 2.40 -27.08 12.47
C GLU A 57 1.63 -28.17 13.23
N ASP A 58 0.30 -28.13 13.22
CA ASP A 58 -0.49 -27.11 12.52
C ASP A 58 -0.61 -25.82 13.32
N HIS A 59 -0.29 -24.70 12.68
CA HIS A 59 -0.39 -23.40 13.34
C HIS A 59 -0.17 -22.24 12.38
N ASP A 60 -1.20 -21.91 11.59
CA ASP A 60 -1.14 -20.72 10.75
C ASP A 60 -1.10 -19.47 11.62
N VAL A 61 -0.51 -18.39 11.11
CA VAL A 61 -0.36 -17.16 11.87
C VAL A 61 -1.11 -15.98 11.25
N ILE A 62 -1.47 -15.02 12.10
CA ILE A 62 -2.02 -13.74 11.66
C ILE A 62 -1.47 -12.65 12.57
N ALA A 63 -0.64 -11.77 12.00
CA ALA A 63 0.00 -10.70 12.75
C ALA A 63 -0.67 -9.36 12.49
N ARG A 64 -0.62 -8.49 13.49
CA ARG A 64 -1.24 -7.17 13.40
C ARG A 64 -0.34 -6.11 14.03
N ALA A 65 0.42 -5.42 13.19
CA ALA A 65 1.32 -4.38 13.66
C ALA A 65 1.17 -3.10 12.85
N LYS A 66 1.25 -1.96 13.53
CA LYS A 66 1.09 -0.66 12.88
C LYS A 66 2.12 -0.45 11.77
N THR A 67 1.92 0.58 10.97
CA THR A 67 2.79 0.86 9.83
C THR A 67 4.19 1.29 10.27
N GLY A 68 5.19 0.60 9.74
CA GLY A 68 6.59 0.96 9.96
C GLY A 68 7.24 0.20 11.10
N THR A 69 6.59 -0.87 11.56
CA THR A 69 7.10 -1.65 12.69
C THR A 69 8.02 -2.79 12.25
N GLY A 70 8.34 -2.85 10.96
CA GLY A 70 9.24 -3.86 10.44
C GLY A 70 8.59 -5.22 10.27
N LYS A 71 7.38 -5.24 9.74
CA LYS A 71 6.66 -6.49 9.50
C LYS A 71 7.36 -7.34 8.44
N THR A 72 8.11 -6.69 7.56
CA THR A 72 8.80 -7.40 6.48
C THR A 72 9.76 -8.44 7.06
N PHE A 73 10.71 -8.00 7.87
CA PHE A 73 11.64 -8.90 8.53
C PHE A 73 10.90 -9.85 9.46
N ALA A 74 9.79 -9.37 10.03
CA ALA A 74 9.00 -10.17 10.95
C ALA A 74 8.57 -11.51 10.35
N PHE A 75 8.58 -11.62 9.02
CA PHE A 75 8.34 -12.90 8.36
C PHE A 75 9.51 -13.30 7.45
N LEU A 76 10.49 -12.41 7.30
CA LEU A 76 11.65 -12.73 6.49
C LEU A 76 12.71 -13.48 7.30
N ILE A 77 12.74 -13.25 8.61
CA ILE A 77 13.70 -13.95 9.48
C ILE A 77 13.39 -15.45 9.57
N PRO A 78 12.13 -15.80 9.88
CA PRO A 78 11.79 -17.23 10.01
C PRO A 78 11.98 -18.01 8.71
N ILE A 79 11.68 -17.39 7.58
CA ILE A 79 11.79 -18.06 6.30
C ILE A 79 13.23 -18.47 6.02
N PHE A 80 14.16 -17.55 6.26
CA PHE A 80 15.58 -17.86 6.09
C PHE A 80 15.99 -18.99 7.04
N GLN A 81 15.46 -18.96 8.26
CA GLN A 81 15.77 -19.99 9.25
C GLN A 81 15.28 -21.35 8.80
N HIS A 82 14.06 -21.40 8.28
CA HIS A 82 13.48 -22.65 7.80
C HIS A 82 14.28 -23.19 6.62
N LEU A 83 14.78 -22.29 5.79
CA LEU A 83 15.61 -22.66 4.65
C LEU A 83 16.93 -23.29 5.12
N ILE A 84 17.44 -22.83 6.25
CA ILE A 84 18.66 -23.39 6.82
C ILE A 84 18.34 -24.74 7.44
N ASN A 85 17.24 -24.83 8.16
CA ASN A 85 16.81 -26.08 8.79
C ASN A 85 16.59 -27.21 7.80
N THR A 86 16.33 -26.85 6.55
CA THR A 86 15.98 -27.81 5.51
C THR A 86 16.94 -27.66 4.33
N LYS A 87 18.21 -27.40 4.64
CA LYS A 87 19.21 -27.10 3.62
C LYS A 87 19.44 -28.25 2.64
N PHE A 88 19.42 -29.48 3.15
CA PHE A 88 19.78 -30.65 2.35
C PHE A 88 18.59 -31.37 1.72
N ASP A 89 17.41 -30.73 1.77
CA ASP A 89 16.22 -31.27 1.13
C ASP A 89 15.60 -30.26 0.17
N SER A 90 15.45 -30.65 -1.09
CA SER A 90 14.83 -29.82 -2.10
C SER A 90 15.54 -28.47 -2.22
N GLN A 91 16.86 -28.50 -2.27
CA GLN A 91 17.66 -27.28 -2.25
C GLN A 91 17.52 -26.47 -3.54
N TYR A 92 16.92 -27.07 -4.56
CA TYR A 92 16.71 -26.38 -5.84
C TYR A 92 15.24 -26.08 -6.09
N MET A 93 14.43 -26.07 -5.02
CA MET A 93 12.98 -25.90 -5.14
C MET A 93 12.49 -24.72 -4.29
N VAL A 94 11.41 -24.09 -4.75
CA VAL A 94 10.79 -22.99 -4.02
C VAL A 94 10.13 -23.52 -2.75
N LYS A 95 10.47 -22.91 -1.62
CA LYS A 95 9.99 -23.36 -0.32
C LYS A 95 9.12 -22.29 0.35
N ALA A 96 9.29 -21.04 -0.09
CA ALA A 96 8.51 -19.93 0.44
C ALA A 96 8.01 -19.03 -0.69
N VAL A 97 6.70 -18.75 -0.66
CA VAL A 97 6.06 -17.88 -1.65
C VAL A 97 5.45 -16.67 -0.96
N ILE A 98 5.91 -15.48 -1.32
CA ILE A 98 5.39 -14.24 -0.74
C ILE A 98 4.60 -13.47 -1.80
N VAL A 99 3.38 -13.06 -1.43
CA VAL A 99 2.48 -12.38 -2.36
C VAL A 99 2.18 -10.96 -1.88
N ALA A 100 2.24 -9.99 -2.81
CA ALA A 100 1.97 -8.59 -2.50
C ALA A 100 0.99 -7.98 -3.51
N PRO A 101 0.20 -6.99 -3.09
CA PRO A 101 -0.85 -6.39 -3.94
C PRO A 101 -0.34 -5.46 -5.05
N THR A 102 0.91 -5.03 -4.99
CA THR A 102 1.49 -4.20 -6.06
C THR A 102 2.88 -4.68 -6.44
N ARG A 103 3.26 -4.40 -7.69
CA ARG A 103 4.55 -4.81 -8.23
C ARG A 103 5.71 -4.22 -7.42
N ASP A 104 5.62 -2.92 -7.17
CA ASP A 104 6.70 -2.18 -6.52
C ASP A 104 6.95 -2.69 -5.11
N LEU A 105 5.88 -3.11 -4.44
CA LEU A 105 6.00 -3.67 -3.10
C LEU A 105 6.66 -5.04 -3.14
N ALA A 106 6.33 -5.85 -4.14
CA ALA A 106 6.97 -7.15 -4.32
C ALA A 106 8.46 -6.99 -4.56
N LEU A 107 8.81 -6.02 -5.40
CA LEU A 107 10.20 -5.72 -5.70
C LEU A 107 10.93 -5.17 -4.47
N GLN A 108 10.20 -4.45 -3.62
CA GLN A 108 10.76 -3.95 -2.39
C GLN A 108 11.12 -5.11 -1.45
N ILE A 109 10.18 -6.04 -1.28
CA ILE A 109 10.41 -7.20 -0.43
C ILE A 109 11.62 -7.97 -0.93
N GLU A 110 11.75 -8.11 -2.25
CA GLU A 110 12.91 -8.77 -2.84
C GLU A 110 14.20 -8.05 -2.44
N ALA A 111 14.17 -6.73 -2.52
CA ALA A 111 15.34 -5.93 -2.16
C ALA A 111 15.72 -6.14 -0.70
N GLU A 112 14.72 -6.29 0.16
CA GLU A 112 14.97 -6.53 1.57
C GLU A 112 15.63 -7.88 1.79
N VAL A 113 15.22 -8.88 1.00
CA VAL A 113 15.88 -10.18 1.03
C VAL A 113 17.32 -10.05 0.55
N LYS A 114 17.53 -9.23 -0.47
CA LYS A 114 18.85 -9.07 -1.06
C LYS A 114 19.75 -8.25 -0.14
N LYS A 115 19.15 -7.48 0.77
CA LYS A 115 19.91 -6.77 1.79
C LYS A 115 20.46 -7.76 2.81
N ILE A 116 19.62 -8.73 3.19
CA ILE A 116 20.04 -9.79 4.10
C ILE A 116 21.22 -10.54 3.51
N HIS A 117 21.17 -10.78 2.21
CA HIS A 117 22.27 -11.42 1.49
C HIS A 117 23.54 -10.57 1.57
N ASP A 118 23.38 -9.26 1.44
CA ASP A 118 24.50 -8.33 1.47
C ASP A 118 25.14 -8.26 2.85
N MET A 119 24.35 -8.57 3.88
CA MET A 119 24.85 -8.55 5.26
C MET A 119 25.56 -9.85 5.62
N ASN A 120 25.39 -10.88 4.80
CA ASN A 120 26.03 -12.18 5.02
C ASN A 120 26.03 -12.98 3.72
N TYR A 121 27.18 -12.99 3.05
CA TYR A 121 27.31 -13.69 1.77
C TYR A 121 27.03 -15.19 1.90
N GLY A 122 27.03 -15.70 3.13
CA GLY A 122 26.75 -17.10 3.38
C GLY A 122 25.30 -17.47 3.10
N LEU A 123 24.43 -16.46 3.07
CA LEU A 123 23.01 -16.68 2.86
C LEU A 123 22.62 -16.62 1.38
N LYS A 124 23.57 -16.25 0.52
CA LYS A 124 23.29 -16.09 -0.90
C LYS A 124 22.90 -17.40 -1.57
N LYS A 125 23.27 -18.53 -0.97
CA LYS A 125 22.95 -19.83 -1.54
C LYS A 125 21.44 -20.04 -1.60
N TYR A 126 20.73 -19.42 -0.66
CA TYR A 126 19.27 -19.45 -0.64
C TYR A 126 18.73 -18.36 -1.57
N ALA A 127 18.80 -18.61 -2.87
CA ALA A 127 18.52 -17.59 -3.87
C ALA A 127 17.09 -17.09 -3.80
N CYS A 128 16.84 -15.98 -4.49
CA CYS A 128 15.54 -15.32 -4.50
C CYS A 128 15.22 -14.79 -5.89
N VAL A 129 13.96 -14.92 -6.29
CA VAL A 129 13.52 -14.42 -7.59
C VAL A 129 12.15 -13.77 -7.47
N SER A 130 12.03 -12.58 -8.07
CA SER A 130 10.76 -11.87 -8.10
C SER A 130 10.02 -12.19 -9.38
N LEU A 131 8.74 -12.51 -9.25
CA LEU A 131 7.89 -12.83 -10.39
C LEU A 131 6.75 -11.81 -10.45
N VAL A 132 6.93 -10.81 -11.31
CA VAL A 132 6.08 -9.63 -11.30
C VAL A 132 5.67 -9.23 -12.71
N GLY A 133 4.55 -8.53 -12.82
CA GLY A 133 4.11 -8.01 -14.10
C GLY A 133 4.99 -6.85 -14.54
N GLY A 134 4.94 -6.52 -15.83
CA GLY A 134 5.72 -5.42 -16.37
C GLY A 134 7.20 -5.74 -16.46
N THR A 135 7.53 -7.03 -16.49
CA THR A 135 8.90 -7.48 -16.65
C THR A 135 8.93 -8.62 -17.67
N ASP A 136 10.12 -8.88 -18.22
CA ASP A 136 10.25 -9.90 -19.25
C ASP A 136 9.98 -11.29 -18.67
N PHE A 137 8.97 -11.96 -19.18
CA PHE A 137 8.56 -13.26 -18.69
C PHE A 137 9.66 -14.30 -18.89
N ARG A 138 10.28 -14.29 -20.06
CA ARG A 138 11.33 -15.25 -20.39
C ARG A 138 12.55 -15.09 -19.49
N ALA A 139 13.00 -13.85 -19.34
CA ALA A 139 14.18 -13.55 -18.53
C ALA A 139 13.98 -13.96 -17.08
N ALA A 140 12.75 -13.85 -16.61
CA ALA A 140 12.41 -14.25 -15.25
C ALA A 140 12.52 -15.76 -15.09
N MET A 141 12.10 -16.50 -16.12
CA MET A 141 12.21 -17.95 -16.10
C MET A 141 13.66 -18.40 -16.21
N ASN A 142 14.43 -17.72 -17.05
CA ASN A 142 15.85 -17.99 -17.17
C ASN A 142 16.55 -17.81 -15.82
N LYS A 143 16.13 -16.78 -15.10
CA LYS A 143 16.63 -16.52 -13.76
C LYS A 143 16.12 -17.58 -12.80
N MET A 144 14.94 -18.12 -13.09
CA MET A 144 14.33 -19.17 -12.27
C MET A 144 15.14 -20.46 -12.40
N ASN A 145 15.63 -20.74 -13.60
CA ASN A 145 16.40 -21.95 -13.86
C ASN A 145 17.84 -21.83 -13.39
N LYS A 146 18.41 -20.64 -13.53
CA LYS A 146 19.81 -20.41 -13.21
C LYS A 146 20.08 -20.46 -11.71
N LEU A 147 19.18 -19.87 -10.93
CA LEU A 147 19.38 -19.74 -9.49
C LEU A 147 18.69 -20.82 -8.68
N ARG A 148 17.57 -21.35 -9.21
CA ARG A 148 16.77 -22.33 -8.49
C ARG A 148 16.41 -21.81 -7.10
N PRO A 149 15.66 -20.69 -7.04
CA PRO A 149 15.40 -19.98 -5.79
C PRO A 149 14.61 -20.78 -4.76
N ASN A 150 14.91 -20.54 -3.49
CA ASN A 150 14.13 -21.09 -2.38
C ASN A 150 13.04 -20.12 -1.95
N ILE A 151 13.18 -18.86 -2.38
CA ILE A 151 12.22 -17.81 -2.04
C ILE A 151 11.70 -17.14 -3.30
N VAL A 152 10.37 -17.05 -3.40
CA VAL A 152 9.72 -16.37 -4.51
C VAL A 152 8.80 -15.28 -3.96
N ILE A 153 9.01 -14.06 -4.44
CA ILE A 153 8.13 -12.94 -4.13
C ILE A 153 7.41 -12.56 -5.41
N ALA A 154 6.11 -12.34 -5.33
CA ALA A 154 5.33 -12.13 -6.53
C ALA A 154 4.05 -11.34 -6.29
N THR A 155 3.46 -10.91 -7.40
CA THR A 155 2.14 -10.29 -7.41
C THR A 155 1.20 -11.31 -8.06
N PRO A 156 -0.08 -11.34 -7.65
CA PRO A 156 -0.95 -12.47 -8.00
C PRO A 156 -1.03 -12.80 -9.50
N GLY A 157 -1.08 -11.78 -10.34
CA GLY A 157 -1.25 -11.97 -11.78
C GLY A 157 -0.15 -12.79 -12.43
N ARG A 158 1.09 -12.32 -12.32
CA ARG A 158 2.22 -13.00 -12.94
C ARG A 158 2.46 -14.37 -12.30
N LEU A 159 2.17 -14.49 -11.01
CA LEU A 159 2.37 -15.74 -10.29
C LEU A 159 1.47 -16.85 -10.82
N ILE A 160 0.24 -16.52 -11.19
CA ILE A 160 -0.67 -17.53 -11.73
C ILE A 160 -0.19 -17.96 -13.11
N ASP A 161 0.38 -17.03 -13.87
CA ASP A 161 0.91 -17.34 -15.20
C ASP A 161 2.00 -18.41 -15.16
N VAL A 162 2.95 -18.26 -14.23
CA VAL A 162 4.05 -19.20 -14.14
C VAL A 162 3.60 -20.52 -13.52
N LEU A 163 2.65 -20.45 -12.59
CA LEU A 163 2.14 -21.64 -11.92
C LEU A 163 1.37 -22.53 -12.90
N GLU A 164 0.61 -21.91 -13.79
CA GLU A 164 -0.14 -22.68 -14.78
C GLU A 164 0.79 -23.38 -15.77
N LYS A 165 2.07 -22.98 -15.79
CA LYS A 165 3.04 -23.51 -16.73
C LYS A 165 4.14 -24.37 -16.09
N TYR A 166 4.63 -23.94 -14.93
CA TYR A 166 5.83 -24.54 -14.35
C TYR A 166 5.69 -24.93 -12.87
N SER A 167 4.46 -25.20 -12.43
CA SER A 167 4.23 -25.55 -11.03
C SER A 167 4.95 -26.84 -10.63
N ASN A 168 5.00 -27.81 -11.55
CA ASN A 168 5.66 -29.08 -11.27
C ASN A 168 7.17 -28.93 -11.13
N LYS A 169 7.73 -27.93 -11.80
CA LYS A 169 9.18 -27.78 -11.87
C LYS A 169 9.77 -27.15 -10.60
N PHE A 170 9.05 -26.22 -9.99
CA PHE A 170 9.59 -25.43 -8.88
C PHE A 170 8.78 -25.51 -7.59
N PHE A 171 7.46 -25.62 -7.70
CA PHE A 171 6.57 -25.33 -6.57
C PHE A 171 5.96 -26.56 -5.91
N ARG A 172 6.54 -27.73 -6.13
CA ARG A 172 5.99 -28.96 -5.54
C ARG A 172 6.42 -29.17 -4.09
N PHE A 173 7.28 -28.29 -3.59
CA PHE A 173 7.82 -28.45 -2.23
C PHE A 173 7.74 -27.16 -1.42
N VAL A 174 6.67 -26.40 -1.62
CA VAL A 174 6.45 -25.17 -0.85
C VAL A 174 5.99 -25.52 0.56
N ASP A 175 6.57 -24.85 1.55
CA ASP A 175 6.22 -25.06 2.96
C ASP A 175 5.53 -23.83 3.56
N TYR A 176 5.91 -22.65 3.08
CA TYR A 176 5.32 -21.40 3.55
C TYR A 176 4.75 -20.58 2.41
N LYS A 177 3.62 -19.92 2.66
CA LYS A 177 3.14 -18.89 1.76
C LYS A 177 2.68 -17.69 2.58
N VAL A 178 3.13 -16.50 2.16
CA VAL A 178 2.88 -15.28 2.91
C VAL A 178 2.00 -14.32 2.11
N LEU A 179 0.97 -13.80 2.77
CA LEU A 179 0.14 -12.74 2.20
C LEU A 179 0.46 -11.43 2.91
N ASP A 180 1.34 -10.64 2.30
CA ASP A 180 1.65 -9.32 2.82
C ASP A 180 0.54 -8.36 2.40
N GLU A 181 0.14 -7.47 3.30
CA GLU A 181 -1.05 -6.64 3.10
C GLU A 181 -2.24 -7.57 2.87
N ALA A 182 -2.39 -8.53 3.78
CA ALA A 182 -3.34 -9.63 3.64
C ALA A 182 -4.78 -9.18 3.37
N ASP A 183 -5.25 -8.20 4.13
CA ASP A 183 -6.63 -7.75 4.02
C ASP A 183 -6.97 -7.31 2.60
N ARG A 184 -6.05 -6.57 1.98
CA ARG A 184 -6.25 -6.13 0.60
C ARG A 184 -6.27 -7.32 -0.36
N LEU A 185 -5.37 -8.27 -0.13
CA LEU A 185 -5.27 -9.46 -0.98
C LEU A 185 -6.49 -10.36 -0.86
N LEU A 186 -7.30 -10.14 0.18
CA LEU A 186 -8.49 -10.94 0.41
C LEU A 186 -9.77 -10.20 0.02
N GLU A 187 -9.63 -8.97 -0.46
CA GLU A 187 -10.77 -8.22 -0.96
C GLU A 187 -11.15 -8.72 -2.35
N ILE A 188 -12.33 -8.31 -2.82
CA ILE A 188 -12.82 -8.72 -4.13
C ILE A 188 -11.87 -8.19 -5.20
N GLY A 189 -11.63 -9.01 -6.23
CA GLY A 189 -10.70 -8.66 -7.29
C GLY A 189 -9.33 -9.27 -7.07
N PHE A 190 -9.06 -9.71 -5.84
CA PHE A 190 -7.82 -10.40 -5.51
C PHE A 190 -8.09 -11.77 -4.89
N ARG A 191 -9.25 -11.91 -4.25
CA ARG A 191 -9.55 -13.13 -3.49
C ARG A 191 -9.57 -14.36 -4.38
N ASP A 192 -10.26 -14.28 -5.51
CA ASP A 192 -10.33 -15.40 -6.45
C ASP A 192 -8.93 -15.81 -6.91
N ASP A 193 -8.09 -14.81 -7.19
CA ASP A 193 -6.73 -15.07 -7.65
C ASP A 193 -5.92 -15.84 -6.61
N LEU A 194 -5.99 -15.38 -5.37
CA LEU A 194 -5.24 -16.02 -4.28
C LEU A 194 -5.79 -17.40 -3.95
N GLU A 195 -7.08 -17.63 -4.22
CA GLU A 195 -7.67 -18.95 -4.03
C GLU A 195 -7.18 -19.90 -5.11
N THR A 196 -6.95 -19.35 -6.30
CA THR A 196 -6.39 -20.13 -7.41
C THR A 196 -4.93 -20.50 -7.10
N ILE A 197 -4.17 -19.52 -6.62
CA ILE A 197 -2.76 -19.75 -6.27
C ILE A 197 -2.67 -20.80 -5.17
N SER A 198 -3.42 -20.58 -4.09
CA SER A 198 -3.41 -21.50 -2.95
C SER A 198 -3.81 -22.91 -3.35
N GLY A 199 -4.84 -23.01 -4.19
CA GLY A 199 -5.33 -24.30 -4.63
C GLY A 199 -4.31 -25.06 -5.45
N ILE A 200 -3.60 -24.35 -6.32
CA ILE A 200 -2.56 -24.99 -7.13
C ILE A 200 -1.41 -25.46 -6.25
N LEU A 201 -0.95 -24.61 -5.34
CA LEU A 201 0.18 -24.95 -4.47
C LEU A 201 -0.17 -26.13 -3.58
N ASN A 202 -1.39 -26.17 -3.05
CA ASN A 202 -1.83 -27.28 -2.21
C ASN A 202 -1.99 -28.56 -3.03
N GLU A 203 -2.56 -28.43 -4.23
CA GLU A 203 -2.83 -29.59 -5.08
C GLU A 203 -1.54 -30.27 -5.55
N LYS A 204 -0.47 -29.50 -5.69
CA LYS A 204 0.78 -30.02 -6.25
C LYS A 204 1.83 -30.36 -5.20
N ASN A 205 1.54 -30.07 -3.94
CA ASN A 205 2.48 -30.36 -2.85
C ASN A 205 2.77 -31.85 -2.76
N SER A 206 4.06 -32.20 -2.70
CA SER A 206 4.50 -33.59 -2.71
C SER A 206 4.02 -34.36 -1.46
N LYS A 207 4.09 -33.72 -0.30
CA LYS A 207 3.75 -34.37 0.94
C LYS A 207 2.24 -34.42 1.18
N SER A 208 1.66 -33.26 1.50
CA SER A 208 0.24 -33.19 1.85
C SER A 208 -0.43 -31.95 1.26
N ALA A 209 -1.73 -32.05 1.01
CA ALA A 209 -2.51 -30.94 0.50
C ALA A 209 -2.73 -29.88 1.57
N ASP A 210 -2.42 -30.23 2.81
CA ASP A 210 -2.55 -29.30 3.94
C ASP A 210 -1.17 -28.99 4.54
N ASN A 211 -0.13 -29.27 3.78
CA ASN A 211 1.24 -29.09 4.25
C ASN A 211 1.61 -27.61 4.42
N ILE A 212 1.24 -26.79 3.44
CA ILE A 212 1.65 -25.39 3.41
C ILE A 212 1.15 -24.62 4.62
N LYS A 213 2.03 -23.78 5.15
CA LYS A 213 1.74 -22.93 6.31
C LYS A 213 1.52 -21.49 5.83
N THR A 214 0.39 -20.90 6.20
CA THR A 214 0.02 -19.58 5.71
C THR A 214 0.23 -18.49 6.75
N LEU A 215 0.92 -17.43 6.35
CA LEU A 215 1.12 -16.26 7.21
C LEU A 215 0.43 -15.04 6.62
N LEU A 216 -0.40 -14.39 7.44
CA LEU A 216 -1.09 -13.17 7.02
C LEU A 216 -0.57 -11.97 7.81
N PHE A 217 -0.15 -10.93 7.09
CA PHE A 217 0.38 -9.71 7.69
C PHE A 217 -0.28 -8.45 7.14
N SER A 218 -0.58 -7.51 8.03
CA SER A 218 -1.10 -6.21 7.64
C SER A 218 -1.24 -5.28 8.86
N ALA A 219 -1.35 -3.99 8.59
CA ALA A 219 -1.55 -3.01 9.65
C ALA A 219 -3.04 -2.79 9.93
N THR A 220 -3.89 -3.35 9.07
CA THR A 220 -5.33 -3.24 9.23
C THR A 220 -6.02 -4.58 8.98
N LEU A 221 -6.56 -5.15 10.05
CA LEU A 221 -7.33 -6.39 9.95
C LEU A 221 -8.06 -6.66 11.25
N ASP A 222 -9.03 -7.57 11.20
CA ASP A 222 -9.89 -7.88 12.34
C ASP A 222 -10.03 -9.40 12.46
N ASP A 223 -11.15 -9.84 13.03
CA ASP A 223 -11.44 -11.27 13.09
C ASP A 223 -12.16 -11.75 11.83
N LYS A 224 -12.56 -10.78 11.00
CA LYS A 224 -13.31 -11.09 9.78
C LYS A 224 -12.41 -11.63 8.68
N VAL A 225 -11.09 -11.51 8.85
CA VAL A 225 -10.15 -11.97 7.84
C VAL A 225 -10.01 -13.49 7.87
N GLN A 226 -10.14 -14.07 9.07
CA GLN A 226 -10.09 -15.52 9.22
C GLN A 226 -11.29 -16.15 8.51
N LYS A 227 -12.43 -15.49 8.62
CA LYS A 227 -13.64 -15.91 7.93
C LYS A 227 -13.45 -15.80 6.42
N LEU A 228 -12.70 -14.79 6.01
CA LEU A 228 -12.52 -14.49 4.59
C LEU A 228 -11.32 -15.24 3.99
N ALA A 229 -10.51 -15.85 4.85
CA ALA A 229 -9.33 -16.58 4.42
C ALA A 229 -9.41 -18.06 4.78
N ASN A 230 -10.62 -18.52 5.09
CA ASN A 230 -10.83 -19.90 5.50
C ASN A 230 -10.50 -20.89 4.37
N ASN A 231 -10.56 -20.42 3.13
CA ASN A 231 -10.35 -21.27 1.97
C ASN A 231 -8.87 -21.46 1.61
N ILE A 232 -8.00 -20.65 2.20
CA ILE A 232 -6.58 -20.67 1.85
C ILE A 232 -5.68 -21.12 3.02
N MET A 233 -6.29 -21.38 4.17
CA MET A 233 -5.55 -21.80 5.36
C MET A 233 -5.83 -23.26 5.70
N ASN A 234 -4.77 -24.06 5.69
CA ASN A 234 -4.89 -25.51 5.79
C ASN A 234 -4.94 -26.03 7.22
N LYS A 235 -4.17 -25.41 8.10
CA LYS A 235 -4.01 -25.91 9.46
C LYS A 235 -5.32 -25.86 10.25
N LYS A 236 -5.45 -26.78 11.20
CA LYS A 236 -6.68 -26.92 11.98
C LYS A 236 -6.93 -25.69 12.85
N GLU A 237 -5.86 -25.10 13.35
CA GLU A 237 -5.96 -23.92 14.22
C GLU A 237 -5.00 -22.81 13.79
N CYS A 238 -5.45 -21.57 13.97
CA CYS A 238 -4.65 -20.39 13.63
C CYS A 238 -4.58 -19.43 14.81
N LEU A 239 -3.37 -19.00 15.16
CA LEU A 239 -3.20 -18.08 16.28
C LEU A 239 -2.97 -16.65 15.78
N PHE A 240 -3.69 -15.72 16.41
CA PHE A 240 -3.67 -14.32 16.01
C PHE A 240 -2.71 -13.50 16.86
N LEU A 241 -1.61 -13.06 16.26
CA LEU A 241 -0.66 -12.20 16.94
C LEU A 241 -1.08 -10.74 16.78
N ASP A 242 -0.85 -9.93 17.80
CA ASP A 242 -1.33 -8.55 17.80
C ASP A 242 -0.49 -7.67 18.72
N THR A 243 0.00 -6.55 18.19
CA THR A 243 0.77 -5.59 18.95
C THR A 243 0.09 -4.22 18.99
N VAL A 244 -1.24 -4.24 18.99
CA VAL A 244 -2.04 -3.04 19.16
C VAL A 244 -3.35 -3.41 19.84
N ASP A 245 -3.76 -2.60 20.81
CA ASP A 245 -4.98 -2.88 21.56
C ASP A 245 -6.20 -2.88 20.62
N LYS A 246 -7.16 -3.74 20.92
CA LYS A 246 -8.35 -3.90 20.09
C LYS A 246 -9.12 -2.60 19.95
N ASN A 247 -9.13 -1.81 21.03
CA ASN A 247 -9.85 -0.54 21.04
C ASN A 247 -9.02 0.58 20.42
N GLU A 248 -7.70 0.50 20.56
CA GLU A 248 -6.80 1.51 20.04
C GLU A 248 -6.92 1.66 18.52
N PRO A 249 -6.64 2.85 18.00
CA PRO A 249 -6.70 3.08 16.55
C PRO A 249 -5.58 2.36 15.81
N GLU A 250 -5.88 1.81 14.65
CA GLU A 250 -4.90 1.09 13.86
C GLU A 250 -3.82 2.01 13.32
N ALA A 251 -4.12 3.31 13.26
CA ALA A 251 -3.16 4.30 12.79
C ALA A 251 -2.00 4.45 13.77
N HIS A 252 -0.87 4.95 13.28
CA HIS A 252 0.31 5.11 14.11
C HIS A 252 0.18 6.35 15.00
N GLU A 253 0.58 6.22 16.25
CA GLU A 253 0.44 7.28 17.24
C GLU A 253 1.26 8.52 16.89
N ARG A 254 2.47 8.31 16.36
CA ARG A 254 3.42 9.39 16.18
C ARG A 254 3.09 10.32 15.00
N ILE A 255 1.99 10.03 14.31
CA ILE A 255 1.58 10.84 13.16
C ILE A 255 0.68 12.00 13.62
N ASP A 256 1.14 13.22 13.40
CA ASP A 256 0.35 14.41 13.69
C ASP A 256 -0.63 14.68 12.55
N GLN A 257 -1.83 14.14 12.67
CA GLN A 257 -2.83 14.25 11.62
C GLN A 257 -3.57 15.58 11.68
N SER A 258 -3.99 16.08 10.51
CA SER A 258 -4.77 17.30 10.43
C SER A 258 -5.72 17.26 9.23
N VAL A 259 -6.77 18.06 9.29
CA VAL A 259 -7.75 18.14 8.20
C VAL A 259 -7.88 19.58 7.71
N VAL A 260 -7.79 19.77 6.40
CA VAL A 260 -8.06 21.05 5.77
C VAL A 260 -9.31 20.93 4.93
N ILE A 261 -10.42 21.44 5.46
CA ILE A 261 -11.71 21.34 4.79
C ILE A 261 -11.99 22.62 4.01
N SER A 262 -12.71 22.48 2.90
CA SER A 262 -13.02 23.62 2.03
C SER A 262 -14.46 23.59 1.57
N GLU A 263 -14.88 24.65 0.90
CA GLU A 263 -16.21 24.73 0.33
C GLU A 263 -16.34 23.77 -0.85
N LYS A 264 -15.47 23.96 -1.83
CA LYS A 264 -15.50 23.18 -3.06
C LYS A 264 -14.33 22.19 -3.12
N PHE A 265 -14.47 21.16 -3.96
CA PHE A 265 -13.43 20.15 -4.13
C PHE A 265 -12.19 20.76 -4.77
N ALA A 266 -12.40 21.65 -5.72
CA ALA A 266 -11.29 22.32 -6.41
C ALA A 266 -10.49 23.20 -5.44
N ASN A 267 -11.13 23.59 -4.35
CA ASN A 267 -10.47 24.43 -3.34
C ASN A 267 -9.33 23.70 -2.64
N SER A 268 -9.47 22.38 -2.52
CA SER A 268 -8.44 21.56 -1.90
C SER A 268 -7.14 21.63 -2.70
N ILE A 269 -7.27 21.85 -4.00
CA ILE A 269 -6.11 21.94 -4.87
C ILE A 269 -5.25 23.15 -4.51
N PHE A 270 -5.89 24.31 -4.37
CA PHE A 270 -5.19 25.54 -4.04
C PHE A 270 -4.62 25.46 -2.62
N ALA A 271 -5.37 24.85 -1.73
CA ALA A 271 -4.94 24.67 -0.35
C ALA A 271 -3.65 23.86 -0.27
N ALA A 272 -3.57 22.80 -1.07
CA ALA A 272 -2.39 21.95 -1.09
C ALA A 272 -1.17 22.68 -1.61
N VAL A 273 -1.37 23.48 -2.66
CA VAL A 273 -0.27 24.25 -3.23
C VAL A 273 0.28 25.24 -2.22
N GLU A 274 -0.61 25.93 -1.52
CA GLU A 274 -0.19 26.91 -0.52
C GLU A 274 0.49 26.24 0.66
N HIS A 275 0.01 25.06 1.04
CA HIS A 275 0.60 24.33 2.16
C HIS A 275 2.02 23.88 1.82
N ILE A 276 2.20 23.39 0.59
CA ILE A 276 3.52 22.98 0.12
C ILE A 276 4.45 24.19 0.03
N LYS A 277 3.93 25.29 -0.50
CA LYS A 277 4.70 26.51 -0.66
C LYS A 277 5.23 27.00 0.69
N LYS A 278 4.37 26.97 1.70
CA LYS A 278 4.78 27.30 3.07
C LYS A 278 5.89 26.36 3.52
N GLN A 279 5.69 25.08 3.28
CA GLN A 279 6.60 24.04 3.75
C GLN A 279 7.98 24.19 3.12
N ILE A 280 8.03 24.45 1.82
CA ILE A 280 9.29 24.63 1.11
C ILE A 280 10.06 25.82 1.68
N LYS A 281 9.36 26.92 1.91
CA LYS A 281 9.97 28.12 2.47
C LYS A 281 10.38 27.88 3.93
N GLU A 282 9.48 27.27 4.68
CA GLU A 282 9.68 27.06 6.11
C GLU A 282 10.79 26.05 6.38
N ARG A 283 10.98 25.09 5.48
CA ARG A 283 12.00 24.06 5.63
C ARG A 283 13.21 24.33 4.75
N ASP A 284 13.20 25.45 4.04
CA ASP A 284 14.28 25.83 3.14
C ASP A 284 14.51 24.75 2.08
N SER A 285 13.42 24.31 1.46
CA SER A 285 13.44 23.31 0.38
C SER A 285 13.94 21.94 0.86
N ASN A 286 14.14 21.79 2.16
CA ASN A 286 14.48 20.49 2.73
C ASN A 286 13.21 19.74 3.08
N TYR A 287 12.47 19.36 2.04
CA TYR A 287 11.12 18.85 2.19
C TYR A 287 10.91 17.59 1.34
N LYS A 288 10.56 16.50 2.00
CA LYS A 288 10.22 15.25 1.34
C LYS A 288 8.80 14.87 1.71
N ALA A 289 7.93 14.79 0.71
CA ALA A 289 6.51 14.56 0.94
C ALA A 289 5.88 13.70 -0.14
N ILE A 290 4.78 13.03 0.22
CA ILE A 290 4.02 12.21 -0.71
C ILE A 290 2.58 12.73 -0.80
N ILE A 291 2.14 13.01 -2.02
CA ILE A 291 0.80 13.53 -2.26
C ILE A 291 -0.07 12.49 -2.97
N PHE A 292 -1.14 12.05 -2.29
CA PHE A 292 -2.07 11.07 -2.86
C PHE A 292 -3.24 11.76 -3.56
N ALA A 293 -3.72 11.14 -4.63
CA ALA A 293 -4.88 11.64 -5.35
C ALA A 293 -5.77 10.47 -5.79
N PRO A 294 -7.05 10.75 -6.13
CA PRO A 294 -8.02 9.68 -6.38
C PRO A 294 -7.82 8.89 -7.68
N THR A 295 -7.40 9.54 -8.76
CA THR A 295 -7.32 8.88 -10.07
C THR A 295 -6.01 9.12 -10.78
N VAL A 296 -5.72 8.28 -11.77
CA VAL A 296 -4.51 8.40 -12.58
C VAL A 296 -4.46 9.74 -13.31
N LYS A 297 -5.54 10.07 -14.01
CA LYS A 297 -5.59 11.30 -14.80
C LYS A 297 -5.46 12.54 -13.93
N PHE A 298 -5.99 12.48 -12.71
CA PHE A 298 -5.91 13.61 -11.80
C PHE A 298 -4.54 13.72 -11.16
N THR A 299 -3.85 12.59 -11.00
CA THR A 299 -2.48 12.59 -10.51
C THR A 299 -1.56 13.25 -11.53
N SER A 300 -1.72 12.85 -12.79
CA SER A 300 -0.96 13.43 -13.89
C SER A 300 -1.19 14.93 -13.97
N PHE A 301 -2.44 15.33 -13.77
CA PHE A 301 -2.81 16.74 -13.79
C PHE A 301 -2.22 17.47 -12.59
N LEU A 302 -2.38 16.90 -11.40
CA LEU A 302 -1.85 17.48 -10.18
C LEU A 302 -0.34 17.59 -10.26
N CYS A 303 0.29 16.61 -10.91
CA CYS A 303 1.72 16.61 -11.11
C CYS A 303 2.15 17.77 -12.00
N SER A 304 1.36 18.04 -13.02
CA SER A 304 1.64 19.13 -13.96
C SER A 304 1.60 20.48 -13.27
N ILE A 305 0.65 20.65 -12.35
CA ILE A 305 0.53 21.88 -11.59
C ILE A 305 1.75 22.07 -10.70
N LEU A 306 2.14 21.02 -9.98
CA LEU A 306 3.24 21.09 -9.04
C LEU A 306 4.58 21.32 -9.74
N LYS A 307 4.73 20.76 -10.94
CA LYS A 307 5.93 21.00 -11.73
C LYS A 307 6.05 22.47 -12.13
N ASN A 308 4.91 23.12 -12.37
CA ASN A 308 4.91 24.47 -12.90
C ASN A 308 5.35 25.55 -11.92
N GLU A 309 5.41 25.21 -10.63
CA GLU A 309 5.80 26.20 -9.62
C GLU A 309 6.59 25.63 -8.44
N PHE A 310 7.00 24.37 -8.53
CA PHE A 310 7.86 23.77 -7.51
C PHE A 310 9.03 23.00 -8.10
N LYS A 311 8.99 22.75 -9.42
CA LYS A 311 10.10 22.07 -10.09
C LYS A 311 11.37 22.88 -9.93
N LYS A 312 11.23 24.20 -9.86
CA LYS A 312 12.36 25.08 -9.60
C LYS A 312 12.96 24.75 -8.24
N ASP A 313 12.10 24.43 -7.28
CA ASP A 313 12.52 24.15 -5.92
C ASP A 313 12.88 22.68 -5.72
N LEU A 314 11.91 21.80 -5.92
CA LEU A 314 12.05 20.38 -5.60
C LEU A 314 11.79 19.48 -6.82
N PRO A 315 12.34 18.25 -6.79
CA PRO A 315 11.96 17.26 -7.80
C PRO A 315 10.50 16.84 -7.66
N ILE A 316 9.78 16.72 -8.78
CA ILE A 316 8.40 16.28 -8.77
C ILE A 316 8.27 14.95 -9.50
N LEU A 317 7.84 13.92 -8.77
CA LEU A 317 7.77 12.56 -9.30
C LEU A 317 6.32 12.09 -9.52
N GLU A 318 6.06 11.54 -10.70
CA GLU A 318 4.75 11.00 -11.04
C GLU A 318 4.76 9.48 -10.99
N PHE A 319 3.88 8.92 -10.15
CA PHE A 319 3.90 7.48 -9.86
C PHE A 319 2.48 6.90 -9.86
N HIS A 320 2.17 6.11 -10.89
CA HIS A 320 0.87 5.42 -10.97
C HIS A 320 0.90 4.26 -11.94
N GLY A 321 -0.20 3.51 -11.98
CA GLY A 321 -0.28 2.28 -12.76
C GLY A 321 -0.03 2.43 -14.24
N LYS A 322 -0.19 3.62 -14.79
CA LYS A 322 0.01 3.82 -16.22
C LYS A 322 1.45 4.22 -16.55
N ILE A 323 2.27 4.39 -15.52
CA ILE A 323 3.71 4.57 -15.71
C ILE A 323 4.34 3.23 -16.04
N THR A 324 5.22 3.21 -17.04
CA THR A 324 5.91 1.97 -17.43
C THR A 324 6.64 1.40 -16.23
N GLN A 325 6.68 0.08 -16.13
CA GLN A 325 7.22 -0.57 -14.94
C GLN A 325 8.69 -0.25 -14.72
N ASN A 326 9.42 -0.04 -15.81
CA ASN A 326 10.82 0.38 -15.71
C ASN A 326 10.94 1.74 -15.02
N LYS A 327 10.08 2.68 -15.41
CA LYS A 327 10.09 4.01 -14.82
C LYS A 327 9.61 3.98 -13.38
N ARG A 328 8.60 3.16 -13.10
CA ARG A 328 8.11 2.98 -11.74
C ARG A 328 9.24 2.55 -10.81
N THR A 329 9.95 1.50 -11.18
CA THR A 329 11.06 1.00 -10.38
C THR A 329 12.17 2.05 -10.24
N SER A 330 12.52 2.68 -11.36
CA SER A 330 13.55 3.71 -11.34
C SER A 330 13.13 4.90 -10.48
N LEU A 331 11.83 5.18 -10.49
CA LEU A 331 11.28 6.26 -9.68
C LEU A 331 11.30 5.92 -8.20
N VAL A 332 11.02 4.66 -7.87
CA VAL A 332 10.97 4.21 -6.48
C VAL A 332 12.37 4.22 -5.86
N LYS A 333 13.36 3.79 -6.63
CA LYS A 333 14.73 3.73 -6.13
C LYS A 333 15.26 5.13 -5.83
N ARG A 334 14.92 6.10 -6.67
CA ARG A 334 15.35 7.48 -6.47
C ARG A 334 14.75 8.09 -5.22
N PHE A 335 13.43 8.04 -5.10
CA PHE A 335 12.72 8.68 -4.00
C PHE A 335 13.09 8.04 -2.67
N LYS A 336 13.53 6.78 -2.72
CA LYS A 336 14.03 6.10 -1.54
C LYS A 336 15.33 6.74 -1.05
N LYS A 337 16.17 7.16 -2.01
CA LYS A 337 17.48 7.71 -1.70
C LYS A 337 17.44 9.21 -1.43
N ASP A 338 16.70 9.95 -2.26
CA ASP A 338 16.68 11.41 -2.19
C ASP A 338 16.21 11.94 -0.84
N GLU A 339 16.84 13.02 -0.40
CA GLU A 339 16.52 13.65 0.88
C GLU A 339 15.30 14.54 0.76
N SER A 340 14.97 14.94 -0.47
CA SER A 340 13.87 15.84 -0.72
C SER A 340 13.15 15.46 -2.02
N GLY A 341 12.01 16.08 -2.26
CA GLY A 341 11.22 15.85 -3.46
C GLY A 341 9.77 15.57 -3.15
N ILE A 342 8.92 15.76 -4.15
CA ILE A 342 7.49 15.46 -4.01
C ILE A 342 7.12 14.25 -4.85
N LEU A 343 6.59 13.23 -4.18
CA LEU A 343 6.03 12.07 -4.86
C LEU A 343 4.52 12.24 -5.01
N VAL A 344 4.06 12.35 -6.27
CA VAL A 344 2.64 12.47 -6.56
C VAL A 344 2.15 11.14 -7.11
N CYS A 345 1.28 10.47 -6.38
CA CYS A 345 0.88 9.10 -6.74
C CYS A 345 -0.57 8.74 -6.44
N THR A 346 -1.03 7.68 -7.11
CA THR A 346 -2.30 7.03 -6.77
C THR A 346 -2.06 6.05 -5.63
N ASP A 347 -3.04 5.17 -5.40
CA ASP A 347 -2.93 4.20 -4.31
C ASP A 347 -2.03 3.01 -4.63
N VAL A 348 -1.27 3.09 -5.71
CA VAL A 348 -0.18 2.14 -5.94
C VAL A 348 0.79 2.15 -4.77
N GLY A 349 1.04 3.35 -4.24
CA GLY A 349 2.03 3.55 -3.20
C GLY A 349 1.40 3.80 -1.84
N ALA A 350 0.16 3.37 -1.68
CA ALA A 350 -0.54 3.55 -0.42
C ALA A 350 -0.06 2.53 0.62
N ARG A 351 0.21 1.31 0.17
CA ARG A 351 0.56 0.20 1.06
C ARG A 351 2.00 -0.27 0.91
N GLY A 352 2.65 -0.51 2.05
CA GLY A 352 3.91 -1.23 2.08
C GLY A 352 5.15 -0.45 1.71
N MET A 353 5.05 0.42 0.72
CA MET A 353 6.23 1.12 0.19
C MET A 353 6.95 1.89 1.29
N ASP A 354 8.25 1.63 1.41
CA ASP A 354 9.06 2.18 2.49
C ASP A 354 10.02 3.23 1.96
N PHE A 355 9.63 4.49 2.10
CA PHE A 355 10.48 5.62 1.71
C PHE A 355 11.05 6.25 2.97
N PRO A 356 12.37 6.16 3.19
CA PRO A 356 12.95 6.71 4.41
C PRO A 356 12.72 8.21 4.59
N ASN A 357 12.35 8.60 5.80
CA ASN A 357 12.31 10.00 6.20
C ASN A 357 11.38 10.88 5.37
N VAL A 358 10.16 10.40 5.13
CA VAL A 358 9.13 11.25 4.55
C VAL A 358 8.61 12.16 5.65
N HIS A 359 8.65 13.47 5.40
CA HIS A 359 8.25 14.44 6.40
C HIS A 359 6.73 14.49 6.55
N GLU A 360 6.03 14.55 5.43
CA GLU A 360 4.58 14.71 5.44
C GLU A 360 3.90 13.84 4.38
N VAL A 361 2.65 13.47 4.67
CA VAL A 361 1.79 12.81 3.70
C VAL A 361 0.57 13.68 3.45
N LEU A 362 0.44 14.14 2.20
CA LEU A 362 -0.69 14.98 1.80
C LEU A 362 -1.73 14.14 1.07
N GLN A 363 -3.00 14.56 1.18
CA GLN A 363 -4.09 13.87 0.50
C GLN A 363 -5.10 14.84 -0.07
N ILE A 364 -5.23 14.84 -1.39
CA ILE A 364 -6.30 15.57 -2.06
C ILE A 364 -7.42 14.59 -2.39
N GLY A 365 -8.48 14.63 -1.60
CA GLY A 365 -9.62 13.74 -1.78
C GLY A 365 -9.54 12.53 -0.88
N VAL A 366 -10.45 11.58 -1.12
CA VAL A 366 -10.53 10.36 -0.31
C VAL A 366 -9.72 9.23 -0.95
N PRO A 367 -9.32 8.24 -0.14
CA PRO A 367 -8.58 7.08 -0.66
C PRO A 367 -9.47 6.08 -1.38
N SER A 368 -8.83 5.08 -2.01
CA SER A 368 -9.54 4.05 -2.77
C SER A 368 -10.45 3.22 -1.87
N GLU A 369 -10.02 3.01 -0.64
CA GLU A 369 -10.80 2.25 0.34
C GLU A 369 -10.57 2.84 1.72
N LEU A 370 -11.52 2.58 2.63
CA LEU A 370 -11.48 3.14 3.98
C LEU A 370 -10.16 2.85 4.70
N ALA A 371 -9.71 1.60 4.63
CA ALA A 371 -8.50 1.18 5.33
C ALA A 371 -7.26 1.90 4.78
N ASN A 372 -7.28 2.25 3.51
CA ASN A 372 -6.12 2.83 2.86
C ASN A 372 -5.77 4.23 3.37
N TYR A 373 -6.66 4.82 4.16
CA TYR A 373 -6.32 6.08 4.82
C TYR A 373 -5.20 5.82 5.82
N ILE A 374 -5.36 4.74 6.58
CA ILE A 374 -4.37 4.33 7.57
C ILE A 374 -3.03 4.03 6.93
N HIS A 375 -3.08 3.37 5.76
CA HIS A 375 -1.88 2.99 5.05
C HIS A 375 -1.23 4.20 4.37
N ARG A 376 -2.05 5.13 3.91
CA ARG A 376 -1.54 6.33 3.25
C ARG A 376 -0.64 7.16 4.18
N ILE A 377 -1.19 7.54 5.33
CA ILE A 377 -0.43 8.33 6.31
C ILE A 377 0.70 7.51 6.91
N GLY A 378 0.67 6.19 6.70
CA GLY A 378 1.70 5.30 7.22
C GLY A 378 2.97 5.33 6.40
N ARG A 379 2.98 6.08 5.31
CA ARG A 379 4.17 6.23 4.47
C ARG A 379 5.20 7.09 5.18
N THR A 380 4.75 7.92 6.11
CA THR A 380 5.63 8.71 6.96
C THR A 380 5.63 8.12 8.37
N ALA A 381 6.48 8.67 9.24
CA ALA A 381 6.58 8.22 10.62
C ALA A 381 6.91 6.73 10.70
N ARG A 382 7.96 6.33 9.98
CA ARG A 382 8.36 4.93 9.91
C ARG A 382 9.71 4.69 10.56
N SER A 383 9.85 3.54 11.22
CA SER A 383 11.11 3.12 11.83
C SER A 383 11.60 4.13 12.85
N GLY A 384 10.71 4.56 13.75
CA GLY A 384 11.08 5.45 14.83
C GLY A 384 11.00 6.92 14.47
N LYS A 385 11.30 7.26 13.22
CA LYS A 385 11.29 8.65 12.76
C LYS A 385 9.90 9.26 12.91
N GLU A 386 9.85 10.58 13.05
CA GLU A 386 8.59 11.29 13.27
C GLU A 386 7.95 11.67 11.94
N GLY A 387 6.72 12.18 11.99
CA GLY A 387 6.02 12.61 10.79
C GLY A 387 4.63 13.14 11.05
N SER A 388 4.04 13.77 10.04
CA SER A 388 2.69 14.30 10.13
C SER A 388 1.94 14.06 8.82
N SER A 389 0.65 14.35 8.81
CA SER A 389 -0.16 14.15 7.61
C SER A 389 -1.28 15.18 7.51
N VAL A 390 -1.62 15.55 6.28
CA VAL A 390 -2.68 16.52 6.00
C VAL A 390 -3.66 15.95 4.99
N LEU A 391 -4.95 16.08 5.30
CA LEU A 391 -6.01 15.58 4.43
C LEU A 391 -6.85 16.75 3.89
N PHE A 392 -6.74 16.99 2.59
CA PHE A 392 -7.46 18.08 1.93
C PHE A 392 -8.75 17.58 1.30
N ILE A 393 -9.89 18.13 1.75
CA ILE A 393 -11.20 17.75 1.25
C ILE A 393 -12.15 18.94 1.25
N CYS A 394 -13.34 18.73 0.69
CA CYS A 394 -14.38 19.74 0.68
C CYS A 394 -15.44 19.41 1.72
N LYS A 395 -16.47 20.26 1.81
CA LYS A 395 -17.51 20.11 2.83
C LYS A 395 -18.57 19.08 2.46
N ASP A 396 -18.26 18.23 1.48
CA ASP A 396 -19.14 17.15 1.07
C ASP A 396 -18.49 15.79 1.30
N GLU A 397 -17.31 15.79 1.92
CA GLU A 397 -16.56 14.57 2.17
C GLU A 397 -16.38 14.32 3.67
N LEU A 398 -17.15 15.02 4.49
CA LEU A 398 -17.10 14.81 5.93
C LEU A 398 -17.60 13.43 6.36
N PRO A 399 -18.61 12.88 5.68
CA PRO A 399 -19.06 11.52 6.02
C PRO A 399 -17.93 10.50 6.01
N PHE A 400 -16.90 10.75 5.23
CA PHE A 400 -15.72 9.90 5.21
C PHE A 400 -14.95 10.02 6.51
N VAL A 401 -14.86 11.25 7.02
CA VAL A 401 -14.15 11.51 8.27
C VAL A 401 -14.93 10.95 9.45
N ARG A 402 -16.25 11.07 9.40
CA ARG A 402 -17.11 10.54 10.46
C ARG A 402 -17.09 9.02 10.45
N GLU A 403 -17.11 8.45 9.25
CA GLU A 403 -17.02 6.99 9.09
C GLU A 403 -15.69 6.49 9.64
N LEU A 404 -14.69 7.35 9.59
CA LEU A 404 -13.36 7.04 10.10
C LEU A 404 -13.40 6.87 11.63
N GLU A 405 -14.35 7.55 12.27
CA GLU A 405 -14.51 7.47 13.72
C GLU A 405 -15.39 6.28 14.11
N ASP A 406 -16.37 5.97 13.28
CA ASP A 406 -17.30 4.88 13.56
C ASP A 406 -16.65 3.51 13.40
N ALA A 407 -15.95 3.33 12.30
CA ALA A 407 -15.39 2.02 11.96
C ALA A 407 -14.04 1.76 12.64
N LYS A 408 -13.06 2.60 12.35
CA LYS A 408 -11.68 2.36 12.79
C LYS A 408 -11.30 3.19 14.01
N ASN A 409 -12.28 3.87 14.61
CA ASN A 409 -12.04 4.67 15.81
C ASN A 409 -10.95 5.71 15.60
N ILE A 410 -10.78 6.16 14.36
CA ILE A 410 -9.76 7.15 14.04
C ILE A 410 -10.30 8.57 14.22
N VAL A 411 -10.12 9.12 15.42
CA VAL A 411 -10.50 10.50 15.70
C VAL A 411 -9.34 11.41 15.33
N ILE A 412 -9.66 12.55 14.71
CA ILE A 412 -8.65 13.51 14.32
C ILE A 412 -8.93 14.86 14.97
N ALA A 413 -7.89 15.43 15.59
CA ALA A 413 -8.04 16.64 16.39
C ALA A 413 -7.99 17.90 15.51
N LYS A 414 -6.83 18.15 14.91
CA LYS A 414 -6.60 19.38 14.17
C LYS A 414 -7.47 19.47 12.92
N GLN A 415 -8.36 20.45 12.89
CA GLN A 415 -9.22 20.71 11.74
C GLN A 415 -9.37 22.20 11.52
N GLU A 416 -9.42 22.61 10.26
CA GLU A 416 -9.54 24.02 9.91
C GLU A 416 -10.16 24.18 8.53
N LYS A 417 -10.89 25.29 8.34
CA LYS A 417 -11.50 25.58 7.05
C LYS A 417 -10.52 26.32 6.15
N TYR A 418 -10.77 26.28 4.85
CA TYR A 418 -9.93 26.97 3.87
C TYR A 418 -10.77 27.59 2.78
N GLU A 419 -10.38 28.80 2.37
CA GLU A 419 -11.00 29.48 1.24
C GLU A 419 -9.91 30.07 0.35
N PRO A 420 -9.95 29.77 -0.96
CA PRO A 420 -8.87 30.25 -1.83
C PRO A 420 -8.99 31.73 -2.18
N SER A 421 -7.89 32.47 -2.04
CA SER A 421 -7.86 33.87 -2.46
C SER A 421 -7.90 33.92 -3.98
N GLU A 422 -8.19 35.09 -4.53
CA GLU A 422 -8.26 35.26 -5.98
C GLU A 422 -6.86 35.21 -6.58
N GLU A 423 -5.86 35.54 -5.77
CA GLU A 423 -4.47 35.57 -6.22
C GLU A 423 -3.94 34.17 -6.52
N ILE A 424 -4.10 33.26 -5.57
CA ILE A 424 -3.59 31.90 -5.73
C ILE A 424 -4.30 31.17 -6.87
N LYS A 425 -5.60 31.42 -7.02
CA LYS A 425 -6.37 30.78 -8.07
C LYS A 425 -5.86 31.20 -9.45
N SER A 426 -5.58 32.49 -9.60
CA SER A 426 -5.09 33.01 -10.88
C SER A 426 -3.74 32.42 -11.24
N GLU A 427 -2.87 32.27 -10.24
CA GLU A 427 -1.54 31.70 -10.46
C GLU A 427 -1.64 30.27 -10.99
N VAL A 428 -2.38 29.42 -10.27
CA VAL A 428 -2.52 28.02 -10.64
C VAL A 428 -3.19 27.85 -12.00
N LEU A 429 -4.35 28.48 -12.16
CA LEU A 429 -5.14 28.33 -13.39
C LEU A 429 -4.41 28.86 -14.62
N GLU A 430 -3.66 29.94 -14.45
CA GLU A 430 -2.92 30.54 -15.55
C GLU A 430 -1.76 29.64 -15.98
N ALA A 431 -1.32 28.77 -15.08
CA ALA A 431 -0.20 27.88 -15.36
C ALA A 431 -0.64 26.59 -16.04
N VAL A 432 -1.94 26.33 -16.04
CA VAL A 432 -2.48 25.11 -16.65
C VAL A 432 -2.41 25.21 -18.17
N THR A 433 -1.65 24.31 -18.78
CA THR A 433 -1.44 24.29 -20.22
C THR A 433 -2.21 23.16 -20.88
N GLU A 434 -3.44 22.93 -20.43
CA GLU A 434 -4.23 21.79 -20.88
C GLU A 434 -5.55 22.23 -21.50
N GLU A 435 -5.89 21.61 -22.62
CA GLU A 435 -7.11 21.95 -23.34
C GLU A 435 -8.35 21.62 -22.50
N PRO A 436 -9.50 22.24 -22.84
CA PRO A 436 -10.73 21.94 -22.10
C PRO A 436 -11.14 20.47 -22.21
N GLU A 437 -10.78 19.85 -23.34
CA GLU A 437 -11.14 18.47 -23.61
C GLU A 437 -10.28 17.51 -22.78
N ASP A 438 -9.13 18.00 -22.32
CA ASP A 438 -8.30 17.25 -21.39
C ASP A 438 -8.80 17.44 -19.97
N ILE A 439 -9.21 18.68 -19.65
CA ILE A 439 -9.83 18.96 -18.36
C ILE A 439 -11.09 18.12 -18.22
N SER A 440 -11.78 17.91 -19.34
CA SER A 440 -12.98 17.07 -19.36
C SER A 440 -12.67 15.68 -18.81
N ASP A 441 -11.74 14.98 -19.45
CA ASP A 441 -11.37 13.62 -19.05
C ASP A 441 -10.97 13.50 -17.58
N ILE A 442 -10.25 14.50 -17.09
CA ILE A 442 -9.80 14.51 -15.70
C ILE A 442 -10.98 14.55 -14.73
N VAL A 443 -11.95 15.40 -15.04
CA VAL A 443 -13.11 15.59 -14.16
C VAL A 443 -14.04 14.38 -14.19
N ILE A 444 -14.18 13.77 -15.36
CA ILE A 444 -14.99 12.56 -15.48
C ILE A 444 -14.40 11.45 -14.62
N SER A 445 -13.07 11.36 -14.60
CA SER A 445 -12.38 10.35 -13.80
C SER A 445 -12.79 10.47 -12.33
N LEU A 446 -12.79 11.69 -11.81
CA LEU A 446 -13.15 11.94 -10.42
C LEU A 446 -14.61 11.61 -10.15
N ILE A 447 -15.48 11.93 -11.11
CA ILE A 447 -16.89 11.58 -10.98
C ILE A 447 -17.03 10.07 -10.89
N SER A 448 -16.28 9.37 -11.73
CA SER A 448 -16.28 7.90 -11.72
C SER A 448 -15.72 7.37 -10.42
N SER A 449 -14.68 8.02 -9.92
CA SER A 449 -14.03 7.61 -8.68
C SER A 449 -14.94 7.78 -7.47
N TYR A 450 -15.57 8.95 -7.37
CA TYR A 450 -16.41 9.26 -6.22
C TYR A 450 -17.76 8.56 -6.31
N ARG A 451 -18.19 8.27 -7.53
CA ARG A 451 -19.39 7.48 -7.76
C ARG A 451 -19.21 6.06 -7.23
N SER A 452 -17.97 5.60 -7.18
CA SER A 452 -17.67 4.22 -6.82
C SER A 452 -17.66 3.96 -5.30
N CYS A 453 -17.50 5.01 -4.51
CA CYS A 453 -17.35 4.86 -3.05
C CYS A 453 -18.41 5.63 -2.27
N ILE A 454 -19.57 5.86 -2.89
CA ILE A 454 -20.66 6.58 -2.23
C ILE A 454 -21.17 5.79 -1.03
N LYS A 455 -21.51 4.53 -1.25
CA LYS A 455 -22.08 3.68 -0.19
C LYS A 455 -21.09 3.44 0.93
N GLU A 456 -19.84 3.13 0.58
CA GLU A 456 -18.82 2.77 1.56
C GLU A 456 -18.52 3.92 2.53
N TYR A 457 -18.53 5.14 2.01
CA TYR A 457 -18.20 6.32 2.81
C TYR A 457 -19.45 7.07 3.29
N ARG A 458 -20.63 6.50 3.01
CA ARG A 458 -21.90 7.10 3.43
C ARG A 458 -22.04 8.53 2.91
N PHE A 459 -21.70 8.75 1.64
CA PHE A 459 -21.86 10.07 1.03
C PHE A 459 -23.32 10.32 0.66
N SER A 460 -23.61 11.58 0.32
CA SER A 460 -24.90 11.96 -0.24
C SER A 460 -24.72 12.21 -1.73
N GLU A 461 -25.14 11.23 -2.53
CA GLU A 461 -24.96 11.25 -3.99
C GLU A 461 -25.43 12.56 -4.63
N ARG A 462 -26.55 13.08 -4.15
CA ARG A 462 -27.15 14.26 -4.75
C ARG A 462 -26.32 15.53 -4.54
N ARG A 463 -25.31 15.44 -3.67
CA ARG A 463 -24.50 16.60 -3.31
C ARG A 463 -23.07 16.52 -3.83
N ILE A 464 -22.44 15.35 -3.71
CA ILE A 464 -21.03 15.22 -4.07
C ILE A 464 -20.79 15.24 -5.58
N LEU A 465 -21.54 14.46 -6.33
CA LEU A 465 -21.29 14.31 -7.76
C LEU A 465 -21.44 15.65 -8.49
N PRO A 466 -22.47 16.45 -8.13
CA PRO A 466 -22.49 17.80 -8.69
C PRO A 466 -21.25 18.62 -8.31
N GLU A 467 -20.88 18.56 -7.04
CA GLU A 467 -19.71 19.30 -6.55
C GLU A 467 -18.43 18.85 -7.25
N ILE A 468 -18.25 17.54 -7.39
CA ILE A 468 -17.08 17.01 -8.10
C ILE A 468 -17.08 17.53 -9.54
N ALA A 469 -18.19 17.32 -10.25
CA ALA A 469 -18.30 17.74 -11.64
C ALA A 469 -18.09 19.25 -11.78
N SER A 470 -18.42 19.99 -10.74
CA SER A 470 -18.34 21.45 -10.76
C SER A 470 -16.90 21.95 -10.91
N THR A 471 -15.93 21.09 -10.61
CA THR A 471 -14.52 21.46 -10.69
C THR A 471 -14.15 21.83 -12.12
N TYR A 472 -14.87 21.24 -13.08
CA TYR A 472 -14.66 21.55 -14.49
C TYR A 472 -14.87 23.03 -14.77
N GLY A 473 -15.84 23.63 -14.09
CA GLY A 473 -16.13 25.04 -14.24
C GLY A 473 -15.05 25.89 -13.58
N VAL A 474 -14.55 25.42 -12.45
CA VAL A 474 -13.53 26.14 -11.69
C VAL A 474 -12.24 26.24 -12.50
N LEU A 475 -11.81 25.12 -13.07
CA LEU A 475 -10.55 25.06 -13.80
C LEU A 475 -10.57 25.93 -15.06
N LEU A 476 -11.72 25.98 -15.73
CA LEU A 476 -11.89 26.85 -16.89
C LEU A 476 -12.25 28.28 -16.46
N ASN A 477 -12.35 28.49 -15.15
CA ASN A 477 -12.67 29.79 -14.58
C ASN A 477 -14.06 30.27 -15.02
N ASP A 478 -15.00 29.34 -15.05
CA ASP A 478 -16.39 29.63 -15.42
C ASP A 478 -17.32 28.70 -14.65
N PRO A 479 -17.57 29.01 -13.36
CA PRO A 479 -18.32 28.14 -12.43
C PRO A 479 -19.63 27.60 -12.99
N GLN A 480 -20.44 28.44 -13.61
CA GLN A 480 -21.76 28.04 -14.08
C GLN A 480 -21.69 27.19 -15.35
N LEU A 481 -20.50 27.10 -15.94
CA LEU A 481 -20.31 26.29 -17.14
C LEU A 481 -20.32 24.81 -16.78
N LYS A 482 -21.02 24.01 -17.59
CA LYS A 482 -21.08 22.56 -17.38
C LYS A 482 -20.29 21.82 -18.45
N ILE A 483 -19.76 20.67 -18.08
CA ILE A 483 -18.94 19.85 -18.97
C ILE A 483 -19.78 19.29 -20.12
N PRO A 484 -19.37 19.56 -21.38
CA PRO A 484 -20.18 19.12 -22.53
C PRO A 484 -20.13 17.61 -22.76
N VAL A 485 -21.30 17.00 -22.95
CA VAL A 485 -21.42 15.55 -23.05
C VAL A 485 -22.38 15.15 -24.18
N SER A 486 -22.20 13.95 -24.73
CA SER A 486 -23.09 13.43 -25.76
C SER A 486 -24.29 12.73 -25.14
N ARG A 487 -25.42 12.76 -25.84
CA ARG A 487 -26.65 12.13 -25.37
C ARG A 487 -26.45 10.64 -25.14
N ARG A 488 -25.62 10.02 -25.97
CA ARG A 488 -25.31 8.60 -25.85
C ARG A 488 -24.42 8.34 -24.64
N PHE A 489 -23.56 9.29 -24.33
CA PHE A 489 -22.65 9.17 -23.19
C PHE A 489 -23.40 9.29 -21.86
N LEU A 490 -24.17 10.38 -21.73
CA LEU A 490 -24.95 10.62 -20.52
C LEU A 490 -25.88 9.45 -20.23
N ASP A 491 -26.44 8.88 -21.29
CA ASP A 491 -27.26 7.69 -21.18
C ASP A 491 -26.40 6.49 -20.80
N LYS A 492 -25.23 6.38 -21.44
CA LYS A 492 -24.30 5.30 -21.15
C LYS A 492 -23.81 5.39 -19.70
N LEU A 493 -23.80 6.61 -19.16
CA LEU A 493 -23.40 6.83 -17.78
C LEU A 493 -24.47 6.32 -16.82
N GLY A 494 -25.71 6.25 -17.30
CA GLY A 494 -26.82 5.76 -16.50
C GLY A 494 -27.48 6.86 -15.70
N LEU A 495 -26.85 8.03 -15.64
CA LEU A 495 -27.38 9.15 -14.88
C LEU A 495 -28.42 9.94 -15.67
N SER A 496 -28.83 9.41 -16.82
CA SER A 496 -29.84 10.05 -17.65
C SER A 496 -31.18 10.11 -16.94
N ARG A 497 -31.44 9.12 -16.10
CA ARG A 497 -32.71 9.06 -15.35
C ARG A 497 -32.65 9.91 -14.09
N SER A 498 -31.45 10.31 -13.69
CA SER A 498 -31.26 11.06 -12.46
C SER A 498 -31.40 12.57 -12.69
N PRO A 499 -32.02 13.29 -11.73
CA PRO A 499 -32.00 14.75 -11.79
C PRO A 499 -30.59 15.29 -11.60
N ILE A 500 -29.72 14.47 -11.02
CA ILE A 500 -28.34 14.86 -10.73
C ILE A 500 -27.54 14.99 -12.02
N GLY A 501 -27.93 14.22 -13.03
CA GLY A 501 -27.26 14.24 -14.31
C GLY A 501 -27.31 15.60 -14.99
N LYS A 502 -28.45 16.27 -14.85
CA LYS A 502 -28.63 17.60 -15.44
C LYS A 502 -27.83 18.64 -14.66
N ALA A 503 -27.57 18.36 -13.38
CA ALA A 503 -26.83 19.28 -12.52
C ALA A 503 -25.33 19.17 -12.72
N MET A 504 -24.90 18.19 -13.52
CA MET A 504 -23.49 17.91 -13.72
C MET A 504 -23.04 18.14 -15.16
N PHE A 505 -23.95 17.88 -16.10
CA PHE A 505 -23.58 17.84 -17.52
C PHE A 505 -24.50 18.71 -18.39
N GLU A 506 -23.94 19.19 -19.49
CA GLU A 506 -24.68 19.92 -20.51
C GLU A 506 -24.61 19.15 -21.82
N ILE A 507 -25.75 18.61 -22.25
CA ILE A 507 -25.77 17.79 -23.45
C ILE A 507 -25.57 18.64 -24.70
N ARG A 508 -24.33 18.69 -25.19
CA ARG A 508 -23.98 19.47 -26.37
C ARG A 508 -23.53 18.55 -27.50
PB GDP C . 5.98 -2.60 7.89
O1B GDP C . 5.92 -3.68 6.83
O2B GDP C . 5.24 -3.05 9.13
O3B GDP C . 5.34 -1.34 7.37
O3A GDP C . 7.51 -2.32 8.29
PA GDP C . 8.65 -2.29 7.15
O1A GDP C . 9.10 -3.70 6.84
O2A GDP C . 8.15 -1.59 5.91
O5' GDP C . 9.83 -1.46 7.86
C5' GDP C . 10.22 -0.21 7.32
C4' GDP C . 11.59 0.17 7.86
O4' GDP C . 11.76 -0.31 9.19
C3' GDP C . 12.70 -0.47 7.03
O3' GDP C . 13.35 0.53 6.23
C2' GDP C . 13.65 -1.10 8.03
O2' GDP C . 15.00 -0.65 7.83
C1' GDP C . 13.12 -0.67 9.40
N9 GDP C . 13.26 -1.71 10.44
C8 GDP C . 12.97 -3.04 10.34
N7 GDP C . 13.22 -3.67 11.50
C5 GDP C . 13.66 -2.76 12.40
C6 GDP C . 14.10 -2.76 13.82
O6 GDP C . 14.11 -3.82 14.47
N1 GDP C . 14.47 -1.60 14.36
C2 GDP C . 14.47 -0.45 13.65
N2 GDP C . 14.86 0.69 14.27
N3 GDP C . 14.09 -0.38 12.36
C4 GDP C . 13.68 -1.48 11.68
H4' GDP C . 11.71 1.27 7.82
H3' GDP C . 12.27 -1.25 6.39
HO3' GDP C . 14.02 0.11 5.67
H2' GDP C . 13.59 -2.20 7.95
HO2' GDP C . 15.29 -0.88 6.94
H1' GDP C . 13.69 0.22 9.71
H8 GDP C . 12.62 -3.51 9.43
HN1 GDP C . 14.78 -1.58 15.35
HN21 GDP C . 14.88 1.56 13.77
HN22 GDP C . 15.15 0.66 15.24
BE BEF D . 2.99 -1.26 5.88
F1 BEF D . 2.23 -1.62 7.16
F2 BEF D . 3.92 -2.41 5.38
F3 BEF D . 3.90 -0.02 6.13
MG MG E . 4.87 -4.12 5.13
#